data_7VF7
#
_entry.id   7VF7
#
_cell.length_a   46.280
_cell.length_b   76.120
_cell.length_c   168.620
_cell.angle_alpha   90.000
_cell.angle_beta   90.000
_cell.angle_gamma   90.000
#
_symmetry.space_group_name_H-M   'P 21 21 21'
#
loop_
_entity.id
_entity.type
_entity.pdbx_description
1 polymer 'Heme acquisition protein HasAp'
2 non-polymer Co-octaethylporphyrin
3 non-polymer GLYCEROL
4 non-polymer DI(HYDROXYETHYL)ETHER
5 water water
#
_entity_poly.entity_id   1
_entity_poly.type   'polypeptide(L)'
_entity_poly.pdbx_seq_one_letter_code
;MSISISYSTTYSGWTVADYLADWSAYFGDVNHRPGQVVDGSNTGGFNPGPFDGSQYALKSTASDAAFIAGGDLHYTLFSN
PSHTLWGKLDSIALGDTLTGGASSGGYALDSQEVSFSNLGLDSPIAQGRDGTVHKVVYGLMSGDSSALQGQIDALLKAVD
PSLSINSTFDQLAAAGVAHATPAA
;
_entity_poly.pdbx_strand_id   A,B,C
#
# COMPACT_ATOMS: atom_id res chain seq x y z
N MET A 1 -10.11 1.98 18.53
CA MET A 1 -9.54 2.76 17.38
C MET A 1 -10.53 2.75 16.20
N SER A 2 -10.67 3.89 15.52
N SER A 2 -10.57 3.88 15.49
CA SER A 2 -11.63 4.05 14.41
CA SER A 2 -11.46 4.14 14.33
C SER A 2 -11.06 3.41 13.14
C SER A 2 -11.04 3.29 13.13
N ILE A 3 -11.96 3.12 12.19
CA ILE A 3 -11.63 2.49 10.89
C ILE A 3 -10.39 3.12 10.31
N SER A 4 -9.48 2.28 9.79
CA SER A 4 -8.25 2.70 9.12
C SER A 4 -8.22 2.02 7.75
N ILE A 5 -7.91 2.78 6.72
CA ILE A 5 -7.93 2.31 5.32
C ILE A 5 -6.54 2.52 4.73
N SER A 6 -6.01 1.49 4.09
N SER A 6 -6.06 1.51 4.01
CA SER A 6 -4.81 1.63 3.22
CA SER A 6 -4.80 1.56 3.23
C SER A 6 -5.31 1.50 1.78
C SER A 6 -5.15 1.35 1.76
N TYR A 7 -4.68 2.21 0.86
CA TYR A 7 -5.03 2.11 -0.57
C TYR A 7 -3.79 2.39 -1.42
N SER A 8 -3.63 1.60 -2.47
CA SER A 8 -2.68 1.90 -3.57
C SER A 8 -3.03 3.27 -4.18
N THR A 9 -2.03 4.10 -4.46
CA THR A 9 -2.22 5.42 -5.08
C THR A 9 -3.03 5.31 -6.37
N THR A 10 -3.01 4.13 -7.02
CA THR A 10 -3.82 3.86 -8.23
C THR A 10 -5.27 4.31 -7.98
N TYR A 11 -5.79 4.11 -6.77
CA TYR A 11 -7.23 4.32 -6.45
C TYR A 11 -7.51 5.68 -5.79
N SER A 12 -6.53 6.58 -5.73
N SER A 12 -6.54 6.60 -5.73
CA SER A 12 -6.63 7.92 -5.10
CA SER A 12 -6.67 7.88 -5.01
C SER A 12 -7.96 8.60 -5.41
C SER A 12 -7.97 8.62 -5.41
N GLY A 13 -8.32 8.65 -6.69
CA GLY A 13 -9.50 9.40 -7.18
C GLY A 13 -10.78 8.59 -7.24
N TRP A 14 -10.73 7.32 -6.86
CA TRP A 14 -11.92 6.44 -6.84
C TRP A 14 -12.66 6.66 -5.54
N THR A 15 -13.99 6.55 -5.55
CA THR A 15 -14.73 6.42 -4.29
C THR A 15 -14.56 5.00 -3.76
N VAL A 16 -14.81 4.83 -2.46
CA VAL A 16 -14.79 3.48 -1.87
C VAL A 16 -15.85 2.61 -2.56
N ALA A 17 -17.04 3.13 -2.80
CA ALA A 17 -18.13 2.40 -3.49
C ALA A 17 -17.67 2.03 -4.91
N ASP A 18 -16.99 2.94 -5.61
CA ASP A 18 -16.51 2.69 -6.99
C ASP A 18 -15.59 1.48 -6.96
N TYR A 19 -14.66 1.50 -6.01
CA TYR A 19 -13.64 0.43 -5.88
C TYR A 19 -14.33 -0.90 -5.55
N LEU A 20 -15.19 -0.89 -4.54
CA LEU A 20 -15.76 -2.18 -4.05
C LEU A 20 -16.72 -2.78 -5.08
N ALA A 21 -17.53 -1.98 -5.76
CA ALA A 21 -18.45 -2.53 -6.78
C ALA A 21 -17.62 -3.14 -7.92
N ASP A 22 -16.58 -2.44 -8.35
CA ASP A 22 -15.73 -2.94 -9.45
C ASP A 22 -14.96 -4.18 -8.97
N TRP A 23 -14.47 -4.19 -7.73
N TRP A 23 -14.29 -4.09 -7.82
CA TRP A 23 -13.76 -5.37 -7.18
CA TRP A 23 -13.43 -5.20 -7.36
C TRP A 23 -14.70 -6.59 -7.16
C TRP A 23 -14.28 -6.47 -7.28
N SER A 24 -15.92 -6.44 -6.65
N SER A 24 -15.53 -6.32 -6.82
CA SER A 24 -16.91 -7.54 -6.63
CA SER A 24 -16.48 -7.45 -6.64
C SER A 24 -17.08 -8.12 -8.03
C SER A 24 -16.84 -8.07 -8.00
N ALA A 25 -17.08 -7.27 -9.04
CA ALA A 25 -17.30 -7.74 -10.42
C ALA A 25 -16.04 -8.43 -10.96
N TYR A 26 -14.86 -7.92 -10.62
CA TYR A 26 -13.56 -8.48 -11.08
C TYR A 26 -13.30 -9.83 -10.40
N PHE A 27 -13.56 -9.91 -9.09
CA PHE A 27 -13.45 -11.19 -8.34
C PHE A 27 -14.55 -12.14 -8.82
N GLY A 28 -15.76 -11.63 -8.99
CA GLY A 28 -16.87 -12.43 -9.48
C GLY A 28 -17.54 -13.25 -8.40
N ASP A 29 -18.17 -14.32 -8.86
CA ASP A 29 -18.92 -15.14 -7.87
C ASP A 29 -18.33 -16.55 -7.92
N VAL A 30 -17.84 -17.10 -6.81
N VAL A 30 -17.87 -17.08 -6.79
CA VAL A 30 -17.22 -18.46 -6.85
CA VAL A 30 -17.15 -18.39 -6.78
C VAL A 30 -18.29 -19.55 -6.84
C VAL A 30 -18.16 -19.54 -6.80
N ASN A 31 -19.57 -19.22 -6.67
N ASN A 31 -19.46 -19.24 -6.68
CA ASN A 31 -20.68 -20.21 -6.74
CA ASN A 31 -20.57 -20.24 -6.75
C ASN A 31 -20.54 -21.23 -5.60
C ASN A 31 -20.42 -21.26 -5.61
N HIS A 32 -20.21 -20.75 -4.40
CA HIS A 32 -20.20 -21.57 -3.17
C HIS A 32 -21.65 -21.67 -2.71
N ARG A 33 -22.40 -22.56 -3.35
N ARG A 33 -22.37 -22.59 -3.32
CA ARG A 33 -23.87 -22.66 -3.21
CA ARG A 33 -23.85 -22.69 -3.25
C ARG A 33 -24.25 -24.13 -3.27
C ARG A 33 -24.23 -24.16 -3.25
N PRO A 34 -25.46 -24.51 -2.79
CA PRO A 34 -25.90 -25.89 -2.85
C PRO A 34 -25.67 -26.53 -4.22
N GLY A 35 -25.11 -27.73 -4.18
CA GLY A 35 -24.79 -28.56 -5.35
C GLY A 35 -23.56 -28.11 -6.12
N GLN A 36 -22.82 -27.10 -5.64
N GLN A 36 -22.84 -27.06 -5.66
CA GLN A 36 -21.72 -26.48 -6.42
CA GLN A 36 -21.73 -26.44 -6.43
C GLN A 36 -20.44 -26.30 -5.59
C GLN A 36 -20.45 -26.30 -5.60
N VAL A 37 -20.41 -26.80 -4.36
CA VAL A 37 -19.22 -26.60 -3.51
C VAL A 37 -18.18 -27.66 -3.89
N VAL A 38 -16.99 -27.17 -4.21
CA VAL A 38 -15.86 -28.04 -4.64
C VAL A 38 -14.63 -27.71 -3.78
N ASP A 39 -14.32 -28.61 -2.85
CA ASP A 39 -13.14 -28.50 -1.98
C ASP A 39 -11.90 -28.19 -2.83
N GLY A 40 -11.23 -27.08 -2.53
CA GLY A 40 -9.96 -26.71 -3.19
C GLY A 40 -10.17 -25.86 -4.43
N SER A 41 -11.41 -25.68 -4.89
N SER A 41 -11.42 -25.67 -4.87
CA SER A 41 -11.73 -24.81 -6.06
CA SER A 41 -11.74 -24.82 -6.05
C SER A 41 -12.47 -23.54 -5.62
C SER A 41 -12.49 -23.55 -5.63
N ASN A 42 -13.50 -23.67 -4.77
CA ASN A 42 -14.31 -22.50 -4.39
C ASN A 42 -14.60 -22.48 -2.90
N THR A 43 -13.70 -23.00 -2.08
CA THR A 43 -13.91 -23.09 -0.62
C THR A 43 -12.98 -22.16 0.17
N GLY A 44 -11.80 -21.83 -0.34
CA GLY A 44 -10.86 -21.00 0.42
C GLY A 44 -10.31 -21.77 1.61
N GLY A 45 -9.75 -21.05 2.56
CA GLY A 45 -9.12 -21.71 3.70
C GLY A 45 -8.89 -20.77 4.86
N PHE A 46 -8.82 -21.39 6.03
CA PHE A 46 -8.50 -20.72 7.29
C PHE A 46 -7.02 -20.90 7.66
N ASN A 47 -6.51 -19.91 8.36
CA ASN A 47 -5.19 -19.96 9.03
C ASN A 47 -5.45 -19.71 10.51
N PRO A 48 -5.18 -20.69 11.40
N PRO A 48 -5.13 -20.63 11.45
CA PRO A 48 -4.54 -21.96 11.01
CA PRO A 48 -4.58 -21.96 11.18
C PRO A 48 -5.48 -23.03 10.47
C PRO A 48 -5.47 -23.02 10.54
N GLY A 49 -6.78 -22.87 10.68
CA GLY A 49 -7.75 -23.85 10.18
C GLY A 49 -7.84 -25.09 11.05
N PRO A 50 -8.64 -26.08 10.63
CA PRO A 50 -9.36 -26.02 9.35
C PRO A 50 -10.62 -25.16 9.26
N PHE A 51 -11.30 -24.92 10.37
CA PHE A 51 -12.60 -24.22 10.37
C PHE A 51 -12.59 -22.99 11.27
N ASP A 52 -11.42 -22.60 11.77
CA ASP A 52 -11.27 -21.46 12.69
C ASP A 52 -9.94 -20.82 12.39
N GLY A 53 -9.87 -19.52 12.63
CA GLY A 53 -8.55 -18.89 12.55
C GLY A 53 -8.56 -17.40 12.64
N SER A 54 -7.36 -16.85 12.58
CA SER A 54 -7.14 -15.39 12.53
C SER A 54 -7.33 -14.87 11.11
N GLN A 55 -7.30 -15.75 10.10
CA GLN A 55 -7.52 -15.35 8.70
C GLN A 55 -8.42 -16.39 8.02
N TYR A 56 -9.27 -15.90 7.13
CA TYR A 56 -9.95 -16.70 6.09
C TYR A 56 -9.61 -16.04 4.76
N ALA A 57 -9.16 -16.82 3.79
CA ALA A 57 -8.75 -16.28 2.48
C ALA A 57 -9.39 -17.10 1.37
N LEU A 58 -9.67 -16.41 0.26
CA LEU A 58 -10.28 -17.05 -0.91
C LEU A 58 -9.81 -16.36 -2.17
N LYS A 59 -9.43 -17.18 -3.15
CA LYS A 59 -9.09 -16.79 -4.53
C LYS A 59 -10.34 -16.81 -5.40
N SER A 60 -10.43 -15.85 -6.30
CA SER A 60 -11.42 -15.82 -7.40
C SER A 60 -11.25 -17.05 -8.29
N THR A 61 -12.34 -17.50 -8.92
CA THR A 61 -12.29 -18.49 -10.01
C THR A 61 -12.47 -17.80 -11.37
N ALA A 62 -12.58 -16.47 -11.40
CA ALA A 62 -12.74 -15.65 -12.63
C ALA A 62 -11.44 -14.93 -13.01
N SER A 63 -10.71 -14.47 -12.01
CA SER A 63 -9.51 -13.62 -12.17
C SER A 63 -8.48 -14.02 -11.11
N ASP A 64 -7.41 -13.24 -11.02
CA ASP A 64 -6.37 -13.42 -9.99
C ASP A 64 -6.74 -12.68 -8.69
N ALA A 65 -7.93 -12.10 -8.60
CA ALA A 65 -8.35 -11.39 -7.38
C ALA A 65 -8.43 -12.37 -6.20
N ALA A 66 -8.27 -11.84 -5.00
CA ALA A 66 -8.39 -12.62 -3.77
C ALA A 66 -8.70 -11.67 -2.62
N PHE A 67 -9.26 -12.20 -1.55
CA PHE A 67 -9.43 -11.41 -0.31
C PHE A 67 -8.97 -12.21 0.89
N ILE A 68 -8.64 -11.45 1.94
CA ILE A 68 -8.28 -12.01 3.25
C ILE A 68 -9.12 -11.31 4.32
N ALA A 69 -9.92 -12.10 5.04
CA ALA A 69 -10.68 -11.64 6.21
C ALA A 69 -9.86 -11.95 7.46
N GLY A 70 -9.67 -10.95 8.31
CA GLY A 70 -8.86 -11.10 9.52
C GLY A 70 -9.67 -10.85 10.77
N GLY A 71 -9.36 -11.59 11.82
CA GLY A 71 -9.98 -11.38 13.13
C GLY A 71 -9.87 -12.63 13.96
N ASP A 72 -11.01 -13.10 14.45
CA ASP A 72 -11.13 -14.32 15.27
C ASP A 72 -12.39 -15.01 14.74
N LEU A 73 -12.21 -15.85 13.73
CA LEU A 73 -13.31 -16.28 12.86
C LEU A 73 -13.55 -17.79 13.00
N HIS A 74 -14.78 -18.19 12.78
CA HIS A 74 -15.24 -19.57 13.03
C HIS A 74 -16.28 -19.93 11.96
N TYR A 75 -16.14 -21.10 11.35
CA TYR A 75 -17.14 -21.63 10.39
C TYR A 75 -17.73 -22.91 10.96
N THR A 76 -19.05 -23.02 10.94
CA THR A 76 -19.73 -24.14 11.62
C THR A 76 -19.85 -25.41 10.78
N LEU A 77 -19.58 -25.36 9.48
CA LEU A 77 -19.76 -26.53 8.58
C LEU A 77 -21.16 -27.12 8.80
N PHE A 78 -21.29 -28.34 9.26
CA PHE A 78 -22.61 -29.02 9.38
C PHE A 78 -23.23 -28.85 10.76
N SER A 79 -22.51 -28.22 11.69
N SER A 79 -22.50 -28.22 11.68
CA SER A 79 -22.94 -28.08 13.12
CA SER A 79 -22.94 -28.03 13.08
C SER A 79 -23.90 -26.89 13.26
C SER A 79 -23.98 -26.91 13.17
N ASN A 80 -24.94 -27.05 14.06
CA ASN A 80 -25.95 -25.99 14.26
C ASN A 80 -25.29 -24.71 14.72
N PRO A 81 -25.58 -23.53 14.13
CA PRO A 81 -26.37 -23.33 12.91
C PRO A 81 -25.49 -23.55 11.67
N SER A 82 -25.89 -24.45 10.78
CA SER A 82 -25.01 -24.91 9.69
C SER A 82 -24.58 -23.76 8.78
N HIS A 83 -23.37 -23.90 8.25
CA HIS A 83 -22.79 -23.03 7.21
C HIS A 83 -22.87 -21.56 7.65
N THR A 84 -22.43 -21.29 8.86
CA THR A 84 -22.35 -19.93 9.43
C THR A 84 -20.87 -19.58 9.65
N LEU A 85 -20.45 -18.42 9.13
CA LEU A 85 -19.20 -17.78 9.56
C LEU A 85 -19.53 -16.76 10.64
N TRP A 86 -18.91 -16.89 11.80
CA TRP A 86 -19.17 -15.96 12.91
C TRP A 86 -17.86 -15.62 13.61
N GLY A 87 -17.95 -14.70 14.55
CA GLY A 87 -16.80 -14.27 15.33
C GLY A 87 -16.49 -12.82 15.12
N LYS A 88 -15.22 -12.47 15.32
CA LYS A 88 -14.74 -11.08 15.19
C LYS A 88 -14.12 -10.88 13.82
N LEU A 89 -14.64 -9.90 13.10
CA LEU A 89 -14.04 -9.47 11.81
C LEU A 89 -13.46 -8.09 12.02
N ASP A 90 -12.13 -8.05 12.06
CA ASP A 90 -11.36 -6.81 12.31
C ASP A 90 -10.94 -6.19 10.97
N SER A 91 -10.67 -6.98 9.94
CA SER A 91 -10.07 -6.44 8.71
C SER A 91 -10.54 -7.21 7.49
N ILE A 92 -10.51 -6.51 6.36
CA ILE A 92 -10.70 -7.09 5.02
C ILE A 92 -9.61 -6.50 4.14
N ALA A 93 -8.80 -7.35 3.53
CA ALA A 93 -7.77 -6.95 2.55
C ALA A 93 -8.19 -7.49 1.18
N LEU A 94 -8.18 -6.60 0.19
N LEU A 94 -8.27 -6.59 0.20
CA LEU A 94 -8.59 -6.91 -1.18
CA LEU A 94 -8.65 -6.93 -1.20
C LEU A 94 -7.42 -6.65 -2.11
C LEU A 94 -7.47 -6.64 -2.12
N GLY A 95 -7.25 -7.53 -3.09
CA GLY A 95 -6.25 -7.30 -4.12
C GLY A 95 -6.15 -8.51 -5.01
N ASP A 96 -4.94 -8.74 -5.49
CA ASP A 96 -4.67 -9.82 -6.46
C ASP A 96 -3.52 -10.67 -5.92
N THR A 97 -3.53 -11.95 -6.29
CA THR A 97 -2.44 -12.92 -6.16
C THR A 97 -2.27 -13.31 -4.70
N LEU A 98 -3.11 -14.22 -4.24
CA LEU A 98 -3.02 -14.77 -2.89
C LEU A 98 -1.75 -15.62 -2.78
N THR A 99 -1.04 -15.45 -1.68
CA THR A 99 0.16 -16.26 -1.35
C THR A 99 0.02 -16.77 0.07
N GLY A 100 0.81 -17.79 0.38
CA GLY A 100 1.00 -18.29 1.74
C GLY A 100 -0.17 -19.10 2.22
N GLY A 101 -0.35 -19.10 3.52
CA GLY A 101 -1.30 -19.95 4.26
C GLY A 101 -0.73 -20.32 5.61
N ALA A 102 -1.36 -21.26 6.29
CA ALA A 102 -1.01 -21.65 7.68
C ALA A 102 0.47 -22.07 7.77
N SER A 103 0.95 -22.86 6.80
N SER A 103 0.96 -22.84 6.80
CA SER A 103 2.33 -23.43 6.78
CA SER A 103 2.32 -23.44 6.78
C SER A 103 3.38 -22.35 6.53
C SER A 103 3.39 -22.39 6.43
N SER A 104 2.99 -21.22 5.92
CA SER A 104 3.89 -20.22 5.28
C SER A 104 4.00 -18.92 6.10
N GLY A 105 3.47 -18.88 7.33
CA GLY A 105 3.48 -17.65 8.17
C GLY A 105 2.31 -16.73 7.84
N GLY A 106 1.25 -17.25 7.25
CA GLY A 106 0.00 -16.51 7.03
C GLY A 106 -0.27 -16.27 5.56
N TYR A 107 -1.51 -15.93 5.26
CA TYR A 107 -1.93 -15.49 3.93
C TYR A 107 -1.48 -14.06 3.71
N ALA A 108 -1.16 -13.74 2.46
CA ALA A 108 -0.84 -12.37 2.02
C ALA A 108 -1.30 -12.19 0.58
N LEU A 109 -1.32 -10.95 0.12
CA LEU A 109 -1.60 -10.62 -1.29
C LEU A 109 -0.33 -10.02 -1.90
N ASP A 110 0.11 -10.54 -3.05
CA ASP A 110 1.29 -10.03 -3.77
C ASP A 110 1.00 -8.62 -4.28
N SER A 111 -0.26 -8.33 -4.63
N SER A 111 -0.27 -8.34 -4.59
CA SER A 111 -0.69 -6.98 -5.05
CA SER A 111 -0.74 -7.02 -5.06
C SER A 111 -1.87 -6.54 -4.17
C SER A 111 -1.89 -6.57 -4.16
N GLN A 112 -1.57 -6.06 -2.97
CA GLN A 112 -2.60 -5.56 -2.05
C GLN A 112 -3.04 -4.20 -2.57
N GLU A 113 -4.31 -4.05 -2.83
CA GLU A 113 -4.88 -2.83 -3.43
C GLU A 113 -5.47 -1.97 -2.32
N VAL A 114 -6.35 -2.55 -1.51
CA VAL A 114 -7.10 -1.76 -0.49
C VAL A 114 -7.31 -2.68 0.72
N SER A 115 -7.11 -2.13 1.91
CA SER A 115 -7.43 -2.85 3.15
C SER A 115 -8.24 -1.94 4.06
N PHE A 116 -9.17 -2.55 4.78
CA PHE A 116 -10.04 -1.91 5.78
C PHE A 116 -9.77 -2.59 7.10
N SER A 117 -9.30 -1.86 8.10
N SER A 117 -9.32 -1.81 8.09
CA SER A 117 -9.05 -2.46 9.44
CA SER A 117 -8.91 -2.29 9.44
C SER A 117 -9.76 -1.65 10.52
C SER A 117 -9.82 -1.66 10.51
N ASN A 118 -9.79 -2.22 11.72
CA ASN A 118 -10.57 -1.70 12.86
C ASN A 118 -12.05 -1.69 12.49
N LEU A 119 -12.52 -2.76 11.85
CA LEU A 119 -13.94 -2.83 11.45
C LEU A 119 -14.85 -3.02 12.66
N GLY A 120 -14.34 -3.62 13.74
CA GLY A 120 -15.09 -3.73 15.00
C GLY A 120 -16.32 -4.64 14.89
N LEU A 121 -16.37 -5.53 13.90
CA LEU A 121 -17.56 -6.41 13.72
C LEU A 121 -17.41 -7.64 14.61
N ASP A 122 -18.48 -7.97 15.31
CA ASP A 122 -18.50 -9.12 16.24
C ASP A 122 -19.89 -9.74 16.15
N SER A 123 -19.98 -10.88 15.49
CA SER A 123 -21.27 -11.58 15.30
C SER A 123 -21.25 -12.88 16.09
N PRO A 124 -22.24 -13.10 16.98
CA PRO A 124 -22.27 -14.32 17.77
C PRO A 124 -22.82 -15.49 16.93
N ILE A 125 -22.48 -16.71 17.33
CA ILE A 125 -22.99 -17.93 16.65
C ILE A 125 -24.52 -17.93 16.66
N ALA A 126 -25.17 -17.40 17.71
CA ALA A 126 -26.64 -17.46 17.86
C ALA A 126 -27.37 -16.80 16.70
N GLN A 127 -26.74 -15.82 16.03
CA GLN A 127 -27.40 -15.12 14.89
C GLN A 127 -27.32 -15.97 13.62
N GLY A 128 -26.51 -17.03 13.59
CA GLY A 128 -26.40 -17.88 12.40
C GLY A 128 -26.10 -17.04 11.16
N ARG A 129 -26.72 -17.38 10.05
CA ARG A 129 -26.42 -16.77 8.74
C ARG A 129 -26.96 -15.33 8.68
N ASP A 130 -27.71 -14.89 9.69
CA ASP A 130 -28.19 -13.49 9.77
C ASP A 130 -27.10 -12.56 10.33
N GLY A 131 -25.99 -13.10 10.83
CA GLY A 131 -24.94 -12.26 11.41
C GLY A 131 -24.27 -11.39 10.36
N THR A 132 -23.85 -10.20 10.75
CA THR A 132 -23.20 -9.26 9.81
C THR A 132 -21.88 -9.85 9.28
N VAL A 133 -21.09 -10.51 10.12
CA VAL A 133 -19.80 -11.09 9.67
C VAL A 133 -20.07 -12.08 8.53
N HIS A 134 -21.06 -12.96 8.71
CA HIS A 134 -21.42 -13.96 7.68
C HIS A 134 -21.82 -13.23 6.39
N LYS A 135 -22.70 -12.23 6.50
CA LYS A 135 -23.23 -11.55 5.30
C LYS A 135 -22.09 -10.83 4.59
N VAL A 136 -21.20 -10.18 5.33
CA VAL A 136 -20.07 -9.46 4.70
C VAL A 136 -19.22 -10.44 3.88
N VAL A 137 -18.80 -11.53 4.49
CA VAL A 137 -17.83 -12.43 3.82
C VAL A 137 -18.54 -13.24 2.74
N TYR A 138 -19.71 -13.77 3.01
CA TYR A 138 -20.41 -14.57 1.98
C TYR A 138 -20.74 -13.65 0.79
N GLY A 139 -21.02 -12.36 1.05
CA GLY A 139 -21.21 -11.40 -0.05
C GLY A 139 -19.98 -11.34 -0.94
N LEU A 140 -18.79 -11.19 -0.35
CA LEU A 140 -17.53 -11.13 -1.13
C LEU A 140 -17.34 -12.42 -1.93
N MET A 141 -17.69 -13.56 -1.36
CA MET A 141 -17.51 -14.85 -2.05
C MET A 141 -18.43 -14.93 -3.27
N SER A 142 -19.55 -14.22 -3.23
N SER A 142 -19.55 -14.21 -3.21
CA SER A 142 -20.68 -14.41 -4.18
CA SER A 142 -20.73 -14.39 -4.10
C SER A 142 -20.91 -13.19 -5.06
C SER A 142 -20.85 -13.26 -5.14
N GLY A 143 -19.94 -12.28 -5.16
CA GLY A 143 -20.00 -11.18 -6.16
C GLY A 143 -20.86 -10.02 -5.71
N ASP A 144 -21.14 -9.89 -4.42
CA ASP A 144 -22.01 -8.81 -3.90
C ASP A 144 -21.33 -8.17 -2.70
N SER A 145 -20.76 -6.98 -2.89
CA SER A 145 -20.05 -6.28 -1.79
C SER A 145 -20.98 -5.35 -1.02
N SER A 146 -22.31 -5.46 -1.24
N SER A 146 -22.30 -5.40 -1.23
CA SER A 146 -23.33 -4.57 -0.62
CA SER A 146 -23.24 -4.45 -0.59
C SER A 146 -23.20 -4.54 0.90
C SER A 146 -23.09 -4.51 0.94
N ALA A 147 -23.00 -5.70 1.55
CA ALA A 147 -22.94 -5.79 3.03
C ALA A 147 -21.66 -5.12 3.54
N LEU A 148 -20.52 -5.38 2.89
CA LEU A 148 -19.26 -4.71 3.30
C LEU A 148 -19.43 -3.20 3.13
N GLN A 149 -19.91 -2.76 1.98
CA GLN A 149 -20.12 -1.33 1.69
C GLN A 149 -20.94 -0.69 2.82
N GLY A 150 -22.03 -1.33 3.25
CA GLY A 150 -22.90 -0.77 4.29
C GLY A 150 -22.18 -0.62 5.62
N GLN A 151 -21.35 -1.59 5.98
CA GLN A 151 -20.60 -1.49 7.26
C GLN A 151 -19.54 -0.41 7.19
N ILE A 152 -18.80 -0.31 6.09
N ILE A 152 -18.80 -0.33 6.08
CA ILE A 152 -17.79 0.76 5.93
CA ILE A 152 -17.77 0.74 5.87
C ILE A 152 -18.50 2.12 5.97
C ILE A 152 -18.47 2.10 5.92
N ASP A 153 -19.64 2.24 5.29
CA ASP A 153 -20.36 3.54 5.25
C ASP A 153 -20.68 3.96 6.68
N ALA A 154 -21.22 3.05 7.51
CA ALA A 154 -21.61 3.37 8.90
C ALA A 154 -20.38 3.78 9.71
N LEU A 155 -19.25 3.08 9.55
CA LEU A 155 -18.01 3.38 10.31
C LEU A 155 -17.49 4.77 9.91
N LEU A 156 -17.48 5.08 8.62
CA LEU A 156 -16.99 6.39 8.13
C LEU A 156 -17.90 7.51 8.66
N LYS A 157 -19.22 7.34 8.55
N LYS A 157 -19.22 7.35 8.54
CA LYS A 157 -20.22 8.36 8.98
CA LYS A 157 -20.22 8.37 8.98
C LYS A 157 -20.02 8.65 10.47
C LYS A 157 -20.02 8.66 10.47
N ALA A 158 -19.66 7.64 11.26
CA ALA A 158 -19.46 7.78 12.73
C ALA A 158 -18.18 8.54 13.03
N VAL A 159 -17.17 8.48 12.17
CA VAL A 159 -15.93 9.31 12.29
C VAL A 159 -16.31 10.77 12.03
N ASP A 160 -17.01 11.04 10.93
CA ASP A 160 -17.51 12.39 10.60
C ASP A 160 -18.56 12.21 9.50
N PRO A 161 -19.75 12.82 9.63
CA PRO A 161 -20.83 12.57 8.67
C PRO A 161 -20.55 13.02 7.23
N SER A 162 -19.54 13.86 7.02
CA SER A 162 -19.09 14.25 5.66
C SER A 162 -18.38 13.07 4.96
N LEU A 163 -17.95 12.06 5.72
CA LEU A 163 -17.25 10.87 5.17
C LEU A 163 -18.25 9.75 4.90
N SER A 164 -18.12 9.09 3.77
CA SER A 164 -19.04 8.00 3.37
C SER A 164 -18.36 7.12 2.34
N ILE A 165 -19.03 6.06 1.91
CA ILE A 165 -18.46 5.25 0.81
C ILE A 165 -18.45 6.04 -0.49
N ASN A 166 -19.08 7.21 -0.56
CA ASN A 166 -19.00 8.06 -1.79
C ASN A 166 -17.85 9.05 -1.67
N SER A 167 -17.06 8.99 -0.60
CA SER A 167 -15.79 9.73 -0.46
C SER A 167 -14.72 9.06 -1.33
N THR A 168 -13.81 9.85 -1.90
CA THR A 168 -12.64 9.28 -2.58
C THR A 168 -11.62 8.85 -1.53
N PHE A 169 -10.73 7.95 -1.89
CA PHE A 169 -9.62 7.54 -0.98
C PHE A 169 -8.82 8.78 -0.60
N ASP A 170 -8.57 9.67 -1.56
CA ASP A 170 -7.79 10.91 -1.28
C ASP A 170 -8.54 11.78 -0.27
N GLN A 171 -9.87 11.88 -0.35
CA GLN A 171 -10.69 12.64 0.64
C GLN A 171 -10.57 11.97 2.03
N LEU A 172 -10.56 10.64 2.08
CA LEU A 172 -10.42 9.94 3.37
C LEU A 172 -9.00 10.10 3.92
N ALA A 173 -7.99 10.22 3.06
CA ALA A 173 -6.60 10.47 3.50
C ALA A 173 -6.52 11.87 4.12
N ALA A 174 -7.16 12.85 3.50
CA ALA A 174 -7.18 14.25 4.01
C ALA A 174 -7.86 14.29 5.38
N ALA A 175 -8.83 13.40 5.63
CA ALA A 175 -9.60 13.32 6.89
C ALA A 175 -8.86 12.49 7.95
N GLY A 176 -7.73 11.86 7.59
CA GLY A 176 -6.87 11.11 8.54
C GLY A 176 -7.27 9.65 8.71
N VAL A 177 -8.26 9.18 7.95
N VAL A 177 -8.22 9.13 7.95
CA VAL A 177 -8.80 7.78 8.01
CA VAL A 177 -8.72 7.74 8.12
C VAL A 177 -7.92 6.86 7.16
C VAL A 177 -8.18 6.82 7.01
N ALA A 178 -7.49 7.36 6.00
CA ALA A 178 -6.87 6.53 4.94
C ALA A 178 -5.43 6.94 4.72
N HIS A 179 -4.68 6.01 4.13
N HIS A 179 -4.59 5.99 4.31
CA HIS A 179 -3.20 6.04 4.00
CA HIS A 179 -3.18 6.30 3.94
C HIS A 179 -2.80 5.45 2.63
C HIS A 179 -2.83 5.53 2.67
N ALA A 180 -2.13 6.21 1.77
CA ALA A 180 -1.73 5.72 0.43
C ALA A 180 -0.53 4.79 0.58
N THR A 181 -0.48 3.76 -0.27
CA THR A 181 0.66 2.82 -0.42
C THR A 181 1.11 2.90 -1.88
N PRO A 182 2.32 2.42 -2.22
CA PRO A 182 2.80 2.48 -3.60
C PRO A 182 1.88 1.79 -4.62
N ALA A 183 1.93 2.26 -5.87
CA ALA A 183 1.31 1.60 -7.05
C ALA A 183 2.27 0.52 -7.56
N MET B 1 15.66 -5.28 -32.55
CA MET B 1 15.86 -6.12 -31.32
C MET B 1 15.81 -5.24 -30.07
N SER B 2 16.80 -4.36 -29.88
CA SER B 2 16.99 -3.54 -28.65
C SER B 2 16.02 -2.35 -28.68
N ILE B 3 15.65 -1.84 -27.49
CA ILE B 3 14.85 -0.59 -27.37
C ILE B 3 15.45 0.47 -28.30
N SER B 4 14.57 1.16 -29.03
CA SER B 4 14.93 2.31 -29.90
C SER B 4 14.06 3.50 -29.50
N ILE B 5 14.67 4.67 -29.37
CA ILE B 5 14.02 5.92 -28.87
C ILE B 5 14.23 7.01 -29.91
N SER B 6 13.15 7.66 -30.31
N SER B 6 13.14 7.67 -30.31
CA SER B 6 13.17 8.91 -31.11
CA SER B 6 13.15 8.91 -31.13
C SER B 6 12.77 10.06 -30.19
C SER B 6 12.75 10.07 -30.21
N TYR B 7 13.47 11.19 -30.27
CA TYR B 7 13.17 12.36 -29.40
C TYR B 7 13.40 13.64 -30.19
N SER B 8 12.49 14.62 -30.01
N SER B 8 12.47 14.60 -30.04
CA SER B 8 12.64 16.03 -30.46
CA SER B 8 12.66 16.01 -30.42
C SER B 8 13.83 16.69 -29.74
C SER B 8 14.00 16.49 -29.82
N THR B 9 14.67 17.43 -30.49
CA THR B 9 15.91 18.07 -29.98
C THR B 9 15.61 18.95 -28.75
N THR B 10 14.35 19.37 -28.57
CA THR B 10 13.88 20.08 -27.35
C THR B 10 14.40 19.33 -26.13
N TYR B 11 14.37 18.00 -26.15
CA TYR B 11 14.55 17.15 -24.95
C TYR B 11 15.99 16.59 -24.86
N SER B 12 16.91 17.06 -25.70
CA SER B 12 18.32 16.57 -25.76
C SER B 12 18.92 16.41 -24.36
N GLY B 13 18.77 17.42 -23.49
CA GLY B 13 19.44 17.50 -22.19
C GLY B 13 18.57 17.01 -21.05
N TRP B 14 17.34 16.54 -21.34
CA TRP B 14 16.43 16.01 -20.29
C TRP B 14 16.75 14.53 -20.04
N THR B 15 16.55 14.08 -18.80
CA THR B 15 16.55 12.63 -18.50
C THR B 15 15.21 12.05 -18.97
N VAL B 16 15.22 10.77 -19.30
CA VAL B 16 13.97 10.07 -19.69
C VAL B 16 12.99 10.17 -18.51
N ALA B 17 13.47 9.98 -17.28
CA ALA B 17 12.61 10.05 -16.07
C ALA B 17 11.96 11.43 -15.97
N ASP B 18 12.73 12.49 -16.16
CA ASP B 18 12.17 13.86 -16.02
C ASP B 18 11.18 14.11 -17.16
N TYR B 19 11.47 13.60 -18.35
CA TYR B 19 10.55 13.78 -19.50
C TYR B 19 9.22 13.05 -19.21
N LEU B 20 9.29 11.81 -18.76
CA LEU B 20 8.05 11.02 -18.58
C LEU B 20 7.26 11.51 -17.35
N ALA B 21 7.92 11.94 -16.28
CA ALA B 21 7.20 12.47 -15.10
C ALA B 21 6.46 13.75 -15.52
N ASP B 22 7.12 14.60 -16.29
CA ASP B 22 6.47 15.84 -16.78
C ASP B 22 5.33 15.50 -17.75
N TRP B 23 5.58 14.59 -18.68
N TRP B 23 5.55 14.56 -18.67
CA TRP B 23 4.54 14.18 -19.67
CA TRP B 23 4.54 14.21 -19.71
C TRP B 23 3.30 13.73 -18.92
C TRP B 23 3.30 13.58 -19.05
N SER B 24 3.47 12.81 -17.97
CA SER B 24 2.32 12.26 -17.19
C SER B 24 1.48 13.38 -16.58
N ALA B 25 2.13 14.38 -16.01
CA ALA B 25 1.42 15.50 -15.34
C ALA B 25 0.77 16.38 -16.41
N TYR B 26 1.42 16.53 -17.57
CA TYR B 26 0.94 17.40 -18.66
C TYR B 26 -0.27 16.75 -19.34
N PHE B 27 -0.14 15.49 -19.74
CA PHE B 27 -1.27 14.73 -20.32
C PHE B 27 -2.39 14.66 -19.29
N GLY B 28 -2.00 14.38 -18.05
CA GLY B 28 -2.91 14.30 -16.91
C GLY B 28 -3.59 12.95 -16.77
N ASP B 29 -4.65 12.94 -15.99
CA ASP B 29 -5.46 11.75 -15.71
C ASP B 29 -6.78 11.95 -16.44
N VAL B 30 -7.11 11.07 -17.37
CA VAL B 30 -8.38 11.21 -18.14
C VAL B 30 -9.56 10.70 -17.30
N ASN B 31 -9.32 10.18 -16.10
CA ASN B 31 -10.39 9.74 -15.18
C ASN B 31 -11.15 8.58 -15.79
N HIS B 32 -10.42 7.61 -16.31
CA HIS B 32 -11.02 6.37 -16.86
C HIS B 32 -11.19 5.40 -15.70
N ARG B 33 -12.29 5.57 -14.97
N ARG B 33 -12.27 5.59 -14.94
CA ARG B 33 -12.53 4.84 -13.70
CA ARG B 33 -12.55 4.83 -13.70
C ARG B 33 -14.04 4.71 -13.54
C ARG B 33 -14.05 4.71 -13.54
N PRO B 34 -14.54 3.82 -12.66
CA PRO B 34 -15.97 3.60 -12.54
C PRO B 34 -16.69 4.92 -12.23
N GLY B 35 -17.79 5.15 -12.94
CA GLY B 35 -18.61 6.35 -12.76
C GLY B 35 -18.16 7.55 -13.56
N GLN B 36 -16.96 7.51 -14.13
N GLN B 36 -16.96 7.49 -14.15
CA GLN B 36 -16.42 8.66 -14.92
CA GLN B 36 -16.38 8.63 -14.88
C GLN B 36 -16.12 8.26 -16.35
C GLN B 36 -16.09 8.24 -16.33
N VAL B 37 -16.51 7.05 -16.77
CA VAL B 37 -16.51 6.70 -18.22
C VAL B 37 -17.95 6.83 -18.68
N VAL B 38 -18.32 8.01 -19.14
CA VAL B 38 -19.74 8.37 -19.32
C VAL B 38 -19.99 8.97 -20.71
N ASP B 39 -18.97 8.95 -21.56
CA ASP B 39 -19.04 9.40 -22.98
C ASP B 39 -17.74 8.98 -23.66
N GLY B 40 -17.58 9.31 -24.92
CA GLY B 40 -16.42 8.88 -25.73
C GLY B 40 -15.19 9.72 -25.49
N SER B 41 -15.22 10.67 -24.54
CA SER B 41 -14.13 11.66 -24.39
C SER B 41 -12.91 11.08 -23.70
N ASN B 42 -13.04 9.97 -22.99
CA ASN B 42 -11.90 9.42 -22.21
C ASN B 42 -11.80 7.91 -22.38
N THR B 43 -12.36 7.35 -23.45
CA THR B 43 -12.24 5.91 -23.72
C THR B 43 -10.97 5.60 -24.50
N GLY B 44 -10.55 6.52 -25.36
CA GLY B 44 -9.62 6.21 -26.44
C GLY B 44 -10.26 5.28 -27.45
N GLY B 45 -9.45 4.73 -28.35
CA GLY B 45 -9.97 3.82 -29.35
C GLY B 45 -8.88 2.93 -29.90
N PHE B 46 -9.33 1.83 -30.46
CA PHE B 46 -8.46 0.84 -31.11
C PHE B 46 -8.58 0.96 -32.63
N ASN B 47 -7.48 0.61 -33.28
N ASN B 47 -7.48 0.63 -33.29
CA ASN B 47 -7.44 0.34 -34.74
CA ASN B 47 -7.42 0.35 -34.75
C ASN B 47 -7.06 -1.12 -34.95
C ASN B 47 -7.05 -1.11 -34.95
N PRO B 48 -7.92 -1.97 -35.54
CA PRO B 48 -9.23 -1.57 -36.08
C PRO B 48 -10.39 -1.45 -35.08
N GLY B 49 -10.22 -2.06 -33.90
CA GLY B 49 -11.25 -2.06 -32.85
C GLY B 49 -12.35 -3.03 -33.22
N PRO B 50 -13.45 -3.06 -32.45
CA PRO B 50 -13.68 -2.14 -31.34
C PRO B 50 -12.85 -2.34 -30.05
N PHE B 51 -12.44 -3.57 -29.76
CA PHE B 51 -11.81 -3.92 -28.46
C PHE B 51 -10.44 -4.56 -28.62
N ASP B 52 -9.90 -4.55 -29.83
CA ASP B 52 -8.61 -5.20 -30.16
C ASP B 52 -7.97 -4.42 -31.29
N GLY B 53 -6.66 -4.41 -31.34
CA GLY B 53 -6.03 -3.86 -32.55
C GLY B 53 -4.54 -3.72 -32.43
N SER B 54 -3.96 -3.22 -33.50
CA SER B 54 -2.51 -2.95 -33.60
C SER B 54 -2.19 -1.59 -32.99
N GLN B 55 -3.20 -0.74 -32.77
CA GLN B 55 -3.02 0.59 -32.15
C GLN B 55 -4.12 0.78 -31.10
N TYR B 56 -3.75 1.39 -29.99
CA TYR B 56 -4.71 2.02 -29.07
C TYR B 56 -4.26 3.48 -28.90
N ALA B 57 -5.15 4.43 -29.09
CA ALA B 57 -4.79 5.87 -29.05
C ALA B 57 -5.75 6.62 -28.14
N LEU B 58 -5.21 7.61 -27.45
CA LEU B 58 -5.99 8.43 -26.51
C LEU B 58 -5.47 9.86 -26.49
N LYS B 59 -6.39 10.82 -26.54
N LYS B 59 -6.40 10.80 -26.55
CA LYS B 59 -6.11 12.27 -26.41
CA LYS B 59 -6.18 12.26 -26.37
C LYS B 59 -6.36 12.71 -24.96
C LYS B 59 -6.32 12.63 -24.90
N SER B 60 -5.49 13.57 -24.45
CA SER B 60 -5.66 14.26 -23.16
C SER B 60 -6.99 15.04 -23.14
N THR B 61 -7.58 15.20 -21.96
CA THR B 61 -8.76 16.09 -21.80
C THR B 61 -8.39 17.58 -21.86
N ALA B 62 -7.12 17.96 -21.75
CA ALA B 62 -6.72 19.37 -21.46
C ALA B 62 -5.95 20.03 -22.61
N SER B 63 -5.47 19.28 -23.59
CA SER B 63 -4.67 19.81 -24.72
C SER B 63 -4.80 18.86 -25.90
N ASP B 64 -4.07 19.13 -26.99
CA ASP B 64 -4.03 18.20 -28.13
C ASP B 64 -2.99 17.11 -27.88
N ALA B 65 -2.40 17.01 -26.69
CA ALA B 65 -1.46 15.91 -26.36
C ALA B 65 -2.17 14.57 -26.50
N ALA B 66 -1.44 13.58 -26.98
CA ALA B 66 -2.00 12.26 -27.28
C ALA B 66 -0.91 11.21 -27.23
N PHE B 67 -1.29 9.97 -27.04
CA PHE B 67 -0.34 8.84 -27.21
C PHE B 67 -0.98 7.76 -28.06
N ILE B 68 -0.09 7.02 -28.72
CA ILE B 68 -0.45 5.80 -29.49
C ILE B 68 0.37 4.64 -28.93
N ALA B 69 -0.31 3.62 -28.46
CA ALA B 69 0.29 2.32 -28.08
C ALA B 69 0.19 1.38 -29.28
N GLY B 70 1.30 0.78 -29.66
CA GLY B 70 1.38 -0.10 -30.83
C GLY B 70 1.71 -1.50 -30.42
N GLY B 71 1.06 -2.49 -31.04
CA GLY B 71 1.44 -3.89 -30.84
C GLY B 71 0.33 -4.80 -31.34
N ASP B 72 -0.07 -5.75 -30.48
CA ASP B 72 -1.15 -6.72 -30.77
C ASP B 72 -1.95 -6.80 -29.47
N LEU B 73 -2.91 -5.88 -29.34
CA LEU B 73 -3.50 -5.53 -28.05
C LEU B 73 -4.96 -5.99 -27.99
N HIS B 74 -5.38 -6.34 -26.78
CA HIS B 74 -6.72 -6.89 -26.52
C HIS B 74 -7.27 -6.32 -25.22
N TYR B 75 -8.49 -5.79 -25.26
CA TYR B 75 -9.19 -5.31 -24.06
C TYR B 75 -10.36 -6.23 -23.75
N THR B 76 -10.43 -6.73 -22.52
CA THR B 76 -11.46 -7.72 -22.16
C THR B 76 -12.82 -7.10 -21.88
N LEU B 77 -12.88 -5.79 -21.59
CA LEU B 77 -14.16 -5.11 -21.25
C LEU B 77 -14.84 -5.86 -20.11
N PHE B 78 -16.00 -6.47 -20.31
CA PHE B 78 -16.73 -7.10 -19.19
C PHE B 78 -16.34 -8.57 -18.98
N SER B 79 -15.59 -9.14 -19.92
N SER B 79 -15.57 -9.12 -19.91
CA SER B 79 -15.21 -10.57 -19.91
CA SER B 79 -15.18 -10.55 -19.92
C SER B 79 -14.10 -10.81 -18.88
C SER B 79 -14.09 -10.81 -18.88
N ASN B 80 -14.11 -11.97 -18.23
CA ASN B 80 -13.11 -12.27 -17.20
C ASN B 80 -11.75 -12.47 -17.85
N PRO B 81 -10.65 -11.90 -17.31
CA PRO B 81 -10.62 -10.98 -16.18
C PRO B 81 -11.02 -9.56 -16.63
N SER B 82 -11.96 -8.95 -15.94
CA SER B 82 -12.61 -7.74 -16.49
C SER B 82 -11.64 -6.57 -16.60
N HIS B 83 -11.93 -5.71 -17.56
CA HIS B 83 -11.25 -4.42 -17.84
C HIS B 83 -9.73 -4.60 -17.88
N THR B 84 -9.28 -5.62 -18.59
CA THR B 84 -7.85 -5.93 -18.72
C THR B 84 -7.38 -5.62 -20.14
N LEU B 85 -6.26 -4.90 -20.26
CA LEU B 85 -5.53 -4.81 -21.54
C LEU B 85 -4.39 -5.81 -21.50
N TRP B 86 -4.35 -6.69 -22.47
CA TRP B 86 -3.27 -7.71 -22.54
C TRP B 86 -2.80 -7.86 -23.97
N GLY B 87 -1.76 -8.67 -24.16
CA GLY B 87 -1.19 -8.90 -25.49
C GLY B 87 0.21 -8.37 -25.59
N LYS B 88 0.60 -7.98 -26.80
CA LYS B 88 1.97 -7.51 -27.10
C LYS B 88 1.95 -5.99 -27.19
N LEU B 89 2.85 -5.33 -26.45
CA LEU B 89 3.07 -3.89 -26.54
C LEU B 89 4.48 -3.67 -27.07
N ASP B 90 4.58 -3.17 -28.28
CA ASP B 90 5.87 -2.97 -28.98
C ASP B 90 6.33 -1.51 -28.87
N SER B 91 5.40 -0.56 -28.83
CA SER B 91 5.78 0.88 -28.96
C SER B 91 4.81 1.77 -28.19
N ILE B 92 5.35 2.87 -27.70
CA ILE B 92 4.59 4.03 -27.18
C ILE B 92 5.09 5.29 -27.91
N ALA B 93 4.20 6.04 -28.55
CA ALA B 93 4.50 7.31 -29.23
C ALA B 93 3.75 8.43 -28.51
N LEU B 94 4.47 9.48 -28.09
CA LEU B 94 3.90 10.64 -27.37
C LEU B 94 4.03 11.88 -28.27
N GLY B 95 2.95 12.64 -28.47
CA GLY B 95 2.98 13.81 -29.36
C GLY B 95 1.73 14.65 -29.26
N ASP B 96 1.36 15.32 -30.36
CA ASP B 96 0.28 16.31 -30.41
C ASP B 96 -0.55 16.11 -31.67
N THR B 97 -1.87 16.33 -31.50
CA THR B 97 -2.89 16.33 -32.57
C THR B 97 -2.96 14.92 -33.15
N LEU B 98 -3.73 14.09 -32.48
CA LEU B 98 -4.10 12.75 -32.93
C LEU B 98 -5.03 12.91 -34.14
N THR B 99 -4.73 12.24 -35.24
CA THR B 99 -5.56 12.24 -36.46
C THR B 99 -5.87 10.79 -36.83
N GLY B 100 -6.86 10.62 -37.72
CA GLY B 100 -7.25 9.33 -38.30
C GLY B 100 -7.92 8.44 -37.29
N GLY B 101 -7.81 7.14 -37.51
CA GLY B 101 -8.55 6.08 -36.77
C GLY B 101 -8.81 4.90 -37.69
N ALA B 102 -9.68 3.99 -37.26
CA ALA B 102 -9.89 2.64 -37.86
C ALA B 102 -10.29 2.74 -39.34
N SER B 103 -10.81 3.88 -39.80
CA SER B 103 -11.38 4.06 -41.16
C SER B 103 -10.59 5.09 -41.99
N SER B 104 -9.50 5.65 -41.46
CA SER B 104 -8.76 6.81 -42.06
C SER B 104 -7.38 6.37 -42.58
N GLY B 105 -7.03 5.09 -42.45
CA GLY B 105 -5.67 4.59 -42.69
C GLY B 105 -4.82 4.65 -41.43
N GLY B 106 -5.45 4.64 -40.26
CA GLY B 106 -4.80 4.42 -38.94
C GLY B 106 -4.64 5.71 -38.14
N TYR B 107 -4.31 5.58 -36.86
CA TYR B 107 -3.98 6.73 -36.00
C TYR B 107 -2.56 7.21 -36.29
N ALA B 108 -2.39 8.53 -36.29
CA ALA B 108 -1.10 9.22 -36.43
C ALA B 108 -1.12 10.45 -35.53
N LEU B 109 0.07 10.92 -35.18
CA LEU B 109 0.28 12.23 -34.50
C LEU B 109 0.81 13.23 -35.52
N ASP B 110 0.17 14.40 -35.67
N ASP B 110 0.26 14.45 -35.49
CA ASP B 110 0.64 15.44 -36.63
CA ASP B 110 0.73 15.61 -36.29
C ASP B 110 2.09 15.81 -36.28
C ASP B 110 2.20 15.91 -35.93
N SER B 111 2.39 15.78 -34.97
N SER B 111 2.53 15.98 -34.64
CA SER B 111 3.72 16.05 -34.37
CA SER B 111 3.92 16.27 -34.19
C SER B 111 4.04 14.96 -33.34
C SER B 111 4.30 15.30 -33.08
N GLN B 112 5.25 14.42 -33.37
CA GLN B 112 5.73 13.42 -32.40
C GLN B 112 6.84 14.06 -31.58
N GLU B 113 6.67 14.10 -30.25
N GLU B 113 6.74 13.98 -30.24
CA GLU B 113 7.72 14.52 -29.29
CA GLU B 113 7.74 14.55 -29.31
C GLU B 113 8.72 13.35 -29.17
C GLU B 113 8.74 13.45 -28.93
N VAL B 114 8.27 12.25 -28.56
CA VAL B 114 9.16 11.13 -28.13
C VAL B 114 8.47 9.80 -28.41
N SER B 115 9.19 8.81 -28.90
CA SER B 115 8.65 7.44 -29.09
C SER B 115 9.64 6.41 -28.55
N PHE B 116 9.09 5.33 -28.02
CA PHE B 116 9.84 4.17 -27.49
C PHE B 116 9.39 2.94 -28.26
N SER B 117 10.28 2.29 -28.98
CA SER B 117 9.97 1.14 -29.86
C SER B 117 10.78 -0.08 -29.41
N ASN B 118 10.36 -1.26 -29.85
CA ASN B 118 11.01 -2.55 -29.51
C ASN B 118 10.91 -2.78 -28.00
N LEU B 119 9.78 -2.46 -27.40
CA LEU B 119 9.61 -2.63 -25.94
C LEU B 119 9.57 -4.11 -25.54
N GLY B 120 9.13 -5.00 -26.44
CA GLY B 120 9.17 -6.45 -26.22
C GLY B 120 8.26 -6.90 -25.09
N LEU B 121 7.20 -6.15 -24.80
CA LEU B 121 6.30 -6.52 -23.68
C LEU B 121 5.22 -7.47 -24.21
N ASP B 122 4.94 -8.52 -23.44
CA ASP B 122 3.93 -9.54 -23.83
C ASP B 122 3.30 -10.05 -22.54
N SER B 123 2.05 -9.70 -22.29
CA SER B 123 1.34 -10.07 -21.06
C SER B 123 0.17 -10.96 -21.43
N PRO B 124 0.06 -12.13 -20.79
CA PRO B 124 -1.05 -13.04 -21.06
C PRO B 124 -2.33 -12.58 -20.34
N ILE B 125 -3.46 -13.03 -20.87
CA ILE B 125 -4.78 -12.67 -20.29
C ILE B 125 -4.85 -13.09 -18.82
N ALA B 126 -4.26 -14.22 -18.42
CA ALA B 126 -4.47 -14.76 -17.05
C ALA B 126 -3.89 -13.84 -15.98
N GLN B 127 -2.97 -12.94 -16.32
CA GLN B 127 -2.41 -12.00 -15.31
C GLN B 127 -3.42 -10.90 -15.01
N GLY B 128 -4.46 -10.76 -15.84
CA GLY B 128 -5.49 -9.74 -15.61
C GLY B 128 -4.86 -8.35 -15.48
N ARG B 129 -5.35 -7.57 -14.53
CA ARG B 129 -4.92 -6.17 -14.37
C ARG B 129 -3.51 -6.08 -13.77
N ASP B 130 -2.90 -7.20 -13.42
CA ASP B 130 -1.50 -7.20 -12.89
C ASP B 130 -0.49 -7.40 -14.01
N GLY B 131 -0.93 -7.62 -15.25
CA GLY B 131 0.00 -7.72 -16.37
C GLY B 131 0.75 -6.42 -16.59
N THR B 132 1.99 -6.52 -17.03
CA THR B 132 2.82 -5.32 -17.29
C THR B 132 2.17 -4.44 -18.38
N VAL B 133 1.64 -5.04 -19.44
CA VAL B 133 1.05 -4.25 -20.56
C VAL B 133 -0.11 -3.42 -20.00
N HIS B 134 -0.97 -4.03 -19.19
CA HIS B 134 -2.10 -3.32 -18.56
C HIS B 134 -1.58 -2.16 -17.71
N LYS B 135 -0.63 -2.44 -16.83
CA LYS B 135 -0.15 -1.41 -15.88
C LYS B 135 0.49 -0.24 -16.66
N VAL B 136 1.25 -0.55 -17.70
CA VAL B 136 1.94 0.51 -18.49
C VAL B 136 0.88 1.43 -19.10
N VAL B 137 -0.08 0.86 -19.79
CA VAL B 137 -1.04 1.68 -20.56
C VAL B 137 -2.03 2.34 -19.61
N TYR B 138 -2.53 1.64 -18.61
CA TYR B 138 -3.49 2.30 -17.69
C TYR B 138 -2.79 3.45 -16.96
N GLY B 139 -1.50 3.31 -16.69
CA GLY B 139 -0.72 4.39 -16.08
C GLY B 139 -0.68 5.62 -16.96
N LEU B 140 -0.46 5.43 -18.26
CA LEU B 140 -0.47 6.56 -19.23
C LEU B 140 -1.84 7.22 -19.33
N MET B 141 -2.91 6.46 -19.12
CA MET B 141 -4.28 7.00 -19.14
C MET B 141 -4.54 7.81 -17.87
N SER B 142 -3.85 7.50 -16.77
N SER B 142 -3.83 7.51 -16.80
CA SER B 142 -4.25 7.93 -15.40
CA SER B 142 -4.19 7.87 -15.40
C SER B 142 -3.23 8.88 -14.76
C SER B 142 -3.19 8.82 -14.75
N GLY B 143 -2.23 9.36 -15.49
CA GLY B 143 -1.31 10.36 -14.95
C GLY B 143 -0.21 9.77 -14.08
N ASP B 144 0.15 8.50 -14.27
CA ASP B 144 1.26 7.87 -13.53
C ASP B 144 2.04 6.97 -14.49
N SER B 145 3.20 7.41 -14.96
CA SER B 145 4.00 6.64 -15.95
C SER B 145 5.08 5.79 -15.26
N SER B 146 4.93 5.53 -13.95
N SER B 146 4.90 5.48 -13.98
CA SER B 146 5.90 4.72 -13.19
CA SER B 146 5.93 4.73 -13.20
C SER B 146 6.16 3.38 -13.91
C SER B 146 6.14 3.32 -13.79
N ALA B 147 5.09 2.68 -14.31
CA ALA B 147 5.22 1.34 -14.91
C ALA B 147 6.02 1.44 -16.21
N LEU B 148 5.72 2.39 -17.08
CA LEU B 148 6.48 2.58 -18.33
C LEU B 148 7.95 2.87 -17.97
N GLN B 149 8.17 3.78 -17.02
CA GLN B 149 9.54 4.17 -16.63
C GLN B 149 10.31 2.92 -16.18
N GLY B 150 9.70 2.05 -15.38
CA GLY B 150 10.39 0.84 -14.88
C GLY B 150 10.78 -0.09 -16.02
N GLN B 151 9.90 -0.25 -17.01
CA GLN B 151 10.19 -1.15 -18.16
C GLN B 151 11.30 -0.54 -19.04
N ILE B 152 11.26 0.75 -19.28
CA ILE B 152 12.34 1.41 -20.08
C ILE B 152 13.65 1.27 -19.31
N ASP B 153 13.64 1.48 -17.99
CA ASP B 153 14.87 1.37 -17.17
C ASP B 153 15.50 -0.01 -17.39
N ALA B 154 14.69 -1.07 -17.31
CA ALA B 154 15.18 -2.46 -17.47
C ALA B 154 15.75 -2.66 -18.88
N LEU B 155 15.06 -2.19 -19.91
CA LEU B 155 15.52 -2.34 -21.31
C LEU B 155 16.84 -1.60 -21.51
N LEU B 156 17.00 -0.40 -20.95
CA LEU B 156 18.25 0.37 -21.13
C LEU B 156 19.40 -0.33 -20.43
N LYS B 157 19.20 -0.78 -19.19
N LYS B 157 19.19 -0.85 -19.22
CA LYS B 157 20.21 -1.52 -18.40
CA LYS B 157 20.26 -1.50 -18.42
C LYS B 157 20.71 -2.71 -19.23
C LYS B 157 20.66 -2.84 -19.06
N ALA B 158 19.79 -3.42 -19.90
CA ALA B 158 20.09 -4.64 -20.68
C ALA B 158 21.00 -4.31 -21.86
N VAL B 159 20.91 -3.10 -22.41
CA VAL B 159 21.84 -2.62 -23.47
C VAL B 159 23.23 -2.35 -22.86
N ASP B 160 23.24 -1.63 -21.74
N ASP B 160 23.30 -1.61 -21.76
CA ASP B 160 24.47 -1.21 -21.03
CA ASP B 160 24.57 -1.32 -21.03
C ASP B 160 24.12 -0.92 -19.58
C ASP B 160 24.19 -0.89 -19.61
N PRO B 161 24.80 -1.51 -18.57
CA PRO B 161 24.38 -1.33 -17.19
C PRO B 161 24.57 0.07 -16.60
N SER B 162 25.29 0.96 -17.30
N SER B 162 25.34 0.91 -17.31
CA SER B 162 25.48 2.37 -16.87
CA SER B 162 25.55 2.36 -17.03
C SER B 162 24.37 3.25 -17.44
C SER B 162 24.26 3.13 -17.29
N LEU B 163 23.49 2.71 -18.29
CA LEU B 163 22.30 3.44 -18.77
C LEU B 163 21.14 3.22 -17.81
N SER B 164 20.25 4.18 -17.74
CA SER B 164 19.06 4.10 -16.88
C SER B 164 18.07 5.15 -17.35
N ILE B 165 16.88 5.21 -16.76
N ILE B 165 16.92 5.14 -16.68
CA ILE B 165 15.95 6.31 -17.13
CA ILE B 165 15.84 6.15 -16.80
C ILE B 165 16.51 7.65 -16.61
C ILE B 165 16.40 7.54 -16.47
N ASN B 166 17.56 7.61 -15.79
CA ASN B 166 18.23 8.88 -15.38
C ASN B 166 19.28 9.32 -16.40
N SER B 167 19.45 8.58 -17.49
N SER B 167 19.42 8.60 -17.52
CA SER B 167 20.26 9.00 -18.67
CA SER B 167 20.27 8.99 -18.66
C SER B 167 19.52 10.13 -19.41
C SER B 167 19.54 10.05 -19.50
N THR B 168 20.27 11.07 -19.99
CA THR B 168 19.71 12.09 -20.92
C THR B 168 19.46 11.44 -22.29
N PHE B 169 18.56 12.00 -23.08
CA PHE B 169 18.34 11.56 -24.49
C PHE B 169 19.66 11.62 -25.26
N ASP B 170 20.44 12.68 -25.07
N ASP B 170 20.43 12.68 -25.05
CA ASP B 170 21.75 12.86 -25.77
CA ASP B 170 21.75 12.88 -25.71
C ASP B 170 22.67 11.69 -25.37
C ASP B 170 22.66 11.70 -25.36
N GLN B 171 22.73 11.34 -24.07
CA GLN B 171 23.53 10.18 -23.57
C GLN B 171 23.04 8.88 -24.22
N LEU B 172 21.73 8.71 -24.40
CA LEU B 172 21.19 7.51 -25.08
C LEU B 172 21.55 7.56 -26.57
N ALA B 173 21.56 8.74 -27.19
CA ALA B 173 21.94 8.90 -28.60
C ALA B 173 23.39 8.39 -28.72
N ALA B 174 24.27 8.81 -27.79
CA ALA B 174 25.71 8.46 -27.80
C ALA B 174 25.85 6.93 -27.68
N ALA B 175 24.92 6.30 -26.96
CA ALA B 175 24.90 4.85 -26.67
C ALA B 175 24.26 4.08 -27.83
N GLY B 176 23.82 4.78 -28.89
CA GLY B 176 23.26 4.19 -30.11
C GLY B 176 21.84 3.67 -29.92
N VAL B 177 21.14 4.09 -28.86
CA VAL B 177 19.74 3.67 -28.55
C VAL B 177 18.73 4.71 -29.05
N ALA B 178 19.09 5.99 -29.00
CA ALA B 178 18.19 7.13 -29.29
C ALA B 178 18.66 7.89 -30.53
N HIS B 179 17.70 8.56 -31.17
CA HIS B 179 17.86 9.33 -32.44
C HIS B 179 17.05 10.61 -32.32
N ALA B 180 17.69 11.76 -32.54
CA ALA B 180 17.06 13.09 -32.49
C ALA B 180 16.17 13.29 -33.74
N THR B 181 15.08 14.03 -33.57
CA THR B 181 14.16 14.48 -34.65
C THR B 181 13.98 15.98 -34.53
N PRO B 182 13.52 16.68 -35.60
CA PRO B 182 13.27 18.12 -35.51
C PRO B 182 12.17 18.50 -34.50
N ALA B 183 12.33 19.65 -33.85
CA ALA B 183 11.27 20.37 -33.09
C ALA B 183 10.41 21.19 -34.07
N MET C 1 23.32 -8.32 15.44
CA MET C 1 22.05 -9.03 15.77
C MET C 1 20.86 -8.28 15.14
N SER C 2 19.91 -9.02 14.59
CA SER C 2 18.65 -8.51 14.01
C SER C 2 17.76 -7.97 15.13
N ILE C 3 16.82 -7.11 14.74
CA ILE C 3 15.73 -6.62 15.63
C ILE C 3 15.17 -7.80 16.41
N SER C 4 14.96 -7.59 17.71
CA SER C 4 14.32 -8.55 18.64
C SER C 4 13.14 -7.85 19.29
N ILE C 5 12.02 -8.54 19.41
CA ILE C 5 10.78 -7.93 19.91
C ILE C 5 10.25 -8.80 21.05
N SER C 6 9.91 -8.17 22.17
N SER C 6 9.86 -8.17 22.15
CA SER C 6 9.17 -8.79 23.30
CA SER C 6 9.15 -8.82 23.29
C SER C 6 7.74 -8.23 23.24
C SER C 6 7.76 -8.22 23.38
N TYR C 7 6.73 -9.06 23.48
CA TYR C 7 5.33 -8.58 23.49
C TYR C 7 4.54 -9.38 24.52
N SER C 8 3.69 -8.65 25.23
CA SER C 8 2.59 -9.22 26.05
C SER C 8 1.70 -10.10 25.16
N THR C 9 1.31 -11.29 25.63
CA THR C 9 0.42 -12.24 24.89
C THR C 9 -0.89 -11.55 24.49
N THR C 10 -1.28 -10.50 25.23
CA THR C 10 -2.44 -9.63 24.91
C THR C 10 -2.41 -9.24 23.43
N TYR C 11 -1.23 -8.97 22.87
CA TYR C 11 -1.05 -8.39 21.51
C TYR C 11 -0.62 -9.47 20.50
N SER C 12 -0.64 -10.75 20.88
CA SER C 12 -0.33 -11.88 19.97
C SER C 12 -0.96 -11.64 18.59
N GLY C 13 -2.27 -11.35 18.58
CA GLY C 13 -3.06 -11.21 17.34
C GLY C 13 -2.86 -9.87 16.64
N TRP C 14 -2.22 -8.91 17.29
CA TRP C 14 -2.10 -7.51 16.78
C TRP C 14 -0.96 -7.40 15.78
N THR C 15 -1.09 -6.49 14.81
CA THR C 15 0.04 -6.08 13.93
C THR C 15 0.89 -5.05 14.67
N VAL C 16 2.16 -4.94 14.29
CA VAL C 16 3.07 -3.94 14.92
C VAL C 16 2.46 -2.54 14.69
N ALA C 17 2.06 -2.22 13.46
CA ALA C 17 1.49 -0.91 13.10
C ALA C 17 0.24 -0.64 13.95
N ASP C 18 -0.62 -1.64 14.11
CA ASP C 18 -1.86 -1.46 14.92
C ASP C 18 -1.47 -1.13 16.36
N TYR C 19 -0.52 -1.87 16.91
CA TYR C 19 -0.08 -1.64 18.31
C TYR C 19 0.46 -0.21 18.44
N LEU C 20 1.36 0.20 17.55
CA LEU C 20 2.01 1.54 17.66
C LEU C 20 0.97 2.64 17.50
N ALA C 21 -0.02 2.45 16.63
CA ALA C 21 -1.09 3.45 16.42
C ALA C 21 -1.89 3.62 17.72
N ASP C 22 -2.24 2.52 18.39
CA ASP C 22 -3.05 2.54 19.63
C ASP C 22 -2.22 3.17 20.75
N TRP C 23 -0.98 2.70 20.94
CA TRP C 23 -0.11 3.22 22.02
C TRP C 23 0.07 4.75 21.84
N SER C 24 0.37 5.20 20.62
CA SER C 24 0.64 6.63 20.31
C SER C 24 -0.60 7.47 20.60
N ALA C 25 -1.78 6.92 20.31
CA ALA C 25 -3.07 7.58 20.57
C ALA C 25 -3.20 7.83 22.08
N TYR C 26 -2.90 6.83 22.92
CA TYR C 26 -3.01 6.89 24.40
C TYR C 26 -1.93 7.84 24.93
N PHE C 27 -0.72 7.76 24.40
CA PHE C 27 0.40 8.58 24.91
C PHE C 27 0.13 10.05 24.59
N GLY C 28 -0.26 10.31 23.34
CA GLY C 28 -0.61 11.68 22.88
C GLY C 28 0.62 12.56 22.74
N ASP C 29 0.43 13.86 22.92
CA ASP C 29 1.45 14.91 22.65
C ASP C 29 1.79 15.58 23.97
N VAL C 30 3.06 15.54 24.40
CA VAL C 30 3.45 16.17 25.70
C VAL C 30 3.72 17.66 25.54
N ASN C 31 3.64 18.19 24.32
N ASN C 31 3.58 18.20 24.33
CA ASN C 31 3.71 19.65 24.07
CA ASN C 31 3.72 19.65 24.01
C ASN C 31 5.11 20.15 24.45
C ASN C 31 5.10 20.13 24.45
N HIS C 32 6.15 19.43 24.02
CA HIS C 32 7.56 19.80 24.32
C HIS C 32 8.04 20.78 23.27
N ARG C 33 7.83 22.07 23.51
CA ARG C 33 8.10 23.16 22.54
C ARG C 33 8.30 24.44 23.33
N PRO C 34 8.88 25.49 22.72
CA PRO C 34 9.17 26.72 23.46
C PRO C 34 7.96 27.29 24.25
N GLY C 35 8.22 27.65 25.51
CA GLY C 35 7.23 28.24 26.43
C GLY C 35 6.32 27.21 27.07
N GLN C 36 6.48 25.92 26.75
CA GLN C 36 5.60 24.84 27.28
C GLN C 36 6.39 23.77 28.05
N VAL C 37 7.72 23.91 28.20
CA VAL C 37 8.55 22.81 28.78
C VAL C 37 8.64 23.00 30.30
N VAL C 38 8.21 21.98 31.06
CA VAL C 38 8.23 21.96 32.54
C VAL C 38 8.99 20.70 32.99
N ASP C 39 10.08 20.89 33.73
CA ASP C 39 10.84 19.77 34.38
C ASP C 39 9.87 18.87 35.15
N GLY C 40 9.90 17.58 34.86
CA GLY C 40 9.11 16.59 35.61
C GLY C 40 7.74 16.38 35.05
N SER C 41 7.25 17.28 34.17
CA SER C 41 5.93 17.08 33.50
C SER C 41 6.15 16.57 32.08
N ASN C 42 6.96 17.26 31.28
CA ASN C 42 7.10 16.90 29.85
C ASN C 42 8.56 16.97 29.38
N THR C 43 9.54 16.98 30.28
CA THR C 43 10.96 16.85 29.87
C THR C 43 11.36 15.39 29.70
N GLY C 44 10.79 14.50 30.52
CA GLY C 44 11.37 13.17 30.73
C GLY C 44 12.68 13.29 31.48
N GLY C 45 13.44 12.20 31.51
CA GLY C 45 14.72 12.21 32.22
C GLY C 45 15.64 11.14 31.72
N PHE C 46 16.92 11.33 31.98
CA PHE C 46 17.98 10.37 31.64
C PHE C 46 18.43 9.61 32.89
N ASN C 47 18.88 8.39 32.62
CA ASN C 47 19.63 7.57 33.59
C ASN C 47 21.01 7.29 33.00
N PRO C 48 22.10 7.79 33.62
N PRO C 48 22.14 7.69 33.61
CA PRO C 48 22.04 8.48 34.90
CA PRO C 48 22.19 8.48 34.85
C PRO C 48 21.74 9.99 34.87
C PRO C 48 21.72 9.94 34.85
N GLY C 49 21.81 10.61 33.69
CA GLY C 49 21.52 12.04 33.56
C GLY C 49 22.67 12.88 34.09
N PRO C 50 22.49 14.22 34.10
CA PRO C 50 21.24 14.87 33.70
C PRO C 50 20.90 14.95 32.20
N PHE C 51 21.90 14.94 31.32
CA PHE C 51 21.70 15.23 29.88
C PHE C 51 22.20 14.10 28.99
N ASP C 52 22.61 12.99 29.59
CA ASP C 52 23.21 11.85 28.86
C ASP C 52 22.84 10.59 29.64
N GLY C 53 22.72 9.48 28.96
CA GLY C 53 22.58 8.22 29.68
C GLY C 53 22.28 7.04 28.80
N SER C 54 22.24 5.89 29.44
CA SER C 54 21.87 4.61 28.83
C SER C 54 20.36 4.49 28.64
N GLN C 55 19.58 5.32 29.34
CA GLN C 55 18.12 5.37 29.14
C GLN C 55 17.66 6.83 29.13
N TYR C 56 16.63 7.08 28.33
CA TYR C 56 15.80 8.29 28.39
C TYR C 56 14.36 7.81 28.53
N ALA C 57 13.62 8.32 29.51
CA ALA C 57 12.24 7.87 29.75
C ALA C 57 11.30 9.06 29.89
N LEU C 58 10.07 8.87 29.46
CA LEU C 58 9.04 9.94 29.47
C LEU C 58 7.67 9.33 29.68
N LYS C 59 6.92 9.89 30.64
CA LYS C 59 5.49 9.53 30.84
C LYS C 59 4.61 10.54 30.10
N SER C 60 3.51 10.03 29.55
CA SER C 60 2.42 10.80 28.94
C SER C 60 1.88 11.82 29.95
N THR C 61 1.42 12.97 29.47
CA THR C 61 0.67 13.93 30.31
C THR C 61 -0.84 13.70 30.14
N ALA C 62 -1.26 12.82 29.23
CA ALA C 62 -2.69 12.53 28.92
C ALA C 62 -3.16 11.24 29.61
N SER C 63 -2.27 10.27 29.80
CA SER C 63 -2.60 8.90 30.26
C SER C 63 -1.41 8.35 31.06
N ASP C 64 -1.47 7.07 31.43
N ASP C 64 -1.47 7.07 31.45
CA ASP C 64 -0.40 6.36 32.17
CA ASP C 64 -0.36 6.39 32.18
C ASP C 64 0.63 5.79 31.19
C ASP C 64 0.60 5.74 31.18
N ALA C 65 0.44 5.98 29.88
CA ALA C 65 1.38 5.49 28.85
C ALA C 65 2.76 6.08 29.09
N ALA C 66 3.79 5.32 28.77
CA ALA C 66 5.18 5.80 28.92
C ALA C 66 6.08 5.05 27.96
N PHE C 67 7.25 5.60 27.69
CA PHE C 67 8.25 4.87 26.91
C PHE C 67 9.63 5.05 27.54
N ILE C 68 10.49 4.10 27.22
CA ILE C 68 11.90 4.11 27.63
C ILE C 68 12.75 3.87 26.37
N ALA C 69 13.63 4.82 26.07
CA ALA C 69 14.63 4.70 25.01
C ALA C 69 15.94 4.22 25.64
N GLY C 70 16.54 3.17 25.09
CA GLY C 70 17.80 2.64 25.62
C GLY C 70 18.92 2.72 24.61
N GLY C 71 20.13 2.99 25.08
CA GLY C 71 21.32 2.98 24.22
C GLY C 71 22.45 3.75 24.84
N ASP C 72 23.01 4.68 24.07
CA ASP C 72 24.08 5.59 24.55
C ASP C 72 23.72 6.97 24.00
N LEU C 73 22.94 7.70 24.78
CA LEU C 73 22.17 8.85 24.27
C LEU C 73 22.69 10.14 24.89
N HIS C 74 22.57 11.22 24.12
CA HIS C 74 23.11 12.54 24.49
C HIS C 74 22.14 13.63 24.05
N TYR C 75 21.81 14.54 24.95
CA TYR C 75 20.97 15.71 24.64
C TYR C 75 21.83 16.97 24.75
N THR C 76 21.82 17.80 23.71
CA THR C 76 22.71 18.98 23.65
C THR C 76 22.17 20.15 24.49
N LEU C 77 20.87 20.18 24.83
CA LEU C 77 20.23 21.32 25.53
C LEU C 77 20.57 22.62 24.78
N PHE C 78 21.34 23.53 25.35
CA PHE C 78 21.60 24.83 24.67
C PHE C 78 22.90 24.81 23.86
N SER C 79 23.67 23.72 23.94
N SER C 79 23.67 23.72 23.95
CA SER C 79 24.99 23.60 23.24
CA SER C 79 24.96 23.58 23.23
C SER C 79 24.76 23.24 21.78
C SER C 79 24.67 23.39 21.74
N ASN C 80 25.66 23.68 20.89
CA ASN C 80 25.47 23.58 19.43
C ASN C 80 25.59 22.13 19.00
N PRO C 81 24.68 21.63 18.16
CA PRO C 81 23.44 22.30 17.75
C PRO C 81 22.32 22.05 18.77
N SER C 82 21.57 23.08 19.09
CA SER C 82 20.67 23.11 20.26
C SER C 82 19.56 22.07 20.14
N HIS C 83 19.14 21.57 21.31
CA HIS C 83 17.96 20.69 21.50
C HIS C 83 18.01 19.52 20.53
N THR C 84 19.15 18.85 20.50
CA THR C 84 19.39 17.66 19.66
C THR C 84 19.60 16.45 20.57
N LEU C 85 18.83 15.38 20.33
CA LEU C 85 19.14 14.06 20.88
C LEU C 85 19.92 13.30 19.83
N TRP C 86 21.10 12.81 20.20
CA TRP C 86 21.94 12.02 19.28
C TRP C 86 22.56 10.85 20.03
N GLY C 87 23.26 9.99 19.29
CA GLY C 87 23.92 8.82 19.87
C GLY C 87 23.33 7.54 19.34
N LYS C 88 23.48 6.50 20.14
CA LYS C 88 23.02 5.15 19.78
C LYS C 88 21.65 4.91 20.43
N LEU C 89 20.67 4.54 19.61
CA LEU C 89 19.36 4.09 20.10
C LEU C 89 19.24 2.60 19.77
N ASP C 90 19.38 1.79 20.80
CA ASP C 90 19.32 0.32 20.70
C ASP C 90 17.90 -0.19 20.92
N SER C 91 17.10 0.48 21.76
CA SER C 91 15.79 -0.09 22.16
C SER C 91 14.76 0.99 22.41
N ILE C 92 13.51 0.62 22.20
CA ILE C 92 12.32 1.40 22.63
C ILE C 92 11.37 0.41 23.32
N ALA C 93 11.05 0.67 24.58
CA ALA C 93 10.07 -0.09 25.37
C ALA C 93 8.82 0.76 25.52
N LEU C 94 7.67 0.19 25.20
CA LEU C 94 6.37 0.89 25.27
C LEU C 94 5.46 0.16 26.24
N GLY C 95 4.71 0.93 26.99
CA GLY C 95 3.72 0.38 27.92
C GLY C 95 3.10 1.44 28.79
N ASP C 96 2.76 1.05 30.02
CA ASP C 96 2.12 1.93 31.01
C ASP C 96 2.91 1.92 32.31
N THR C 97 2.85 3.03 33.03
CA THR C 97 3.23 3.19 34.46
C THR C 97 4.76 3.14 34.59
N LEU C 98 5.40 4.26 34.30
CA LEU C 98 6.87 4.39 34.43
C LEU C 98 7.24 4.32 35.90
N THR C 99 8.31 3.59 36.20
CA THR C 99 8.84 3.44 37.57
C THR C 99 10.36 3.61 37.50
N GLY C 100 10.96 3.84 38.67
CA GLY C 100 12.41 3.86 38.83
C GLY C 100 13.03 5.09 38.22
N GLY C 101 14.25 4.93 37.75
CA GLY C 101 15.12 6.04 37.32
C GLY C 101 16.53 5.82 37.84
N ALA C 102 17.35 6.86 37.81
CA ALA C 102 18.77 6.74 38.18
C ALA C 102 18.92 6.26 39.62
N SER C 103 18.05 6.71 40.52
CA SER C 103 18.17 6.38 41.97
C SER C 103 17.69 4.95 42.25
N SER C 104 17.19 4.22 41.25
CA SER C 104 16.63 2.85 41.40
C SER C 104 17.34 1.84 40.50
N GLY C 105 18.48 2.22 39.90
CA GLY C 105 19.26 1.33 39.02
C GLY C 105 18.62 1.18 37.64
N GLY C 106 17.76 2.11 37.25
CA GLY C 106 17.13 2.10 35.92
C GLY C 106 15.66 2.42 35.96
N TYR C 107 15.18 2.95 34.85
CA TYR C 107 13.74 3.05 34.58
C TYR C 107 13.19 1.69 34.15
N ALA C 108 11.92 1.46 34.46
CA ALA C 108 11.15 0.29 34.00
C ALA C 108 9.69 0.69 33.85
N LEU C 109 8.95 -0.12 33.10
CA LEU C 109 7.47 0.02 32.98
C LEU C 109 6.84 -1.06 33.85
N ASP C 110 5.86 -0.71 34.67
N ASP C 110 5.88 -0.68 34.69
CA ASP C 110 5.10 -1.70 35.48
CA ASP C 110 5.14 -1.63 35.56
C ASP C 110 4.41 -2.67 34.51
C ASP C 110 4.27 -2.51 34.67
N SER C 111 3.80 -2.13 33.44
N SER C 111 3.82 -1.97 33.52
CA SER C 111 3.07 -2.91 32.42
CA SER C 111 3.13 -2.73 32.45
C SER C 111 3.75 -2.73 31.07
C SER C 111 3.92 -2.54 31.15
N GLN C 112 4.86 -3.44 30.87
CA GLN C 112 5.59 -3.42 29.58
C GLN C 112 4.75 -4.20 28.58
N GLU C 113 4.37 -3.55 27.49
CA GLU C 113 3.47 -4.14 26.47
C GLU C 113 4.33 -4.71 25.34
N VAL C 114 5.18 -3.85 24.77
CA VAL C 114 5.99 -4.19 23.58
C VAL C 114 7.34 -3.50 23.73
N SER C 115 8.40 -4.24 23.46
CA SER C 115 9.76 -3.64 23.35
C SER C 115 10.39 -4.07 22.03
N PHE C 116 11.13 -3.15 21.43
CA PHE C 116 11.93 -3.36 20.22
C PHE C 116 13.39 -3.14 20.61
N SER C 117 14.24 -4.14 20.42
N SER C 117 14.23 -4.15 20.37
CA SER C 117 15.68 -4.05 20.76
CA SER C 117 15.66 -4.16 20.74
C SER C 117 16.52 -4.45 19.53
C SER C 117 16.51 -4.38 19.48
N ASN C 118 17.81 -4.16 19.60
CA ASN C 118 18.76 -4.28 18.47
C ASN C 118 18.28 -3.38 17.32
N LEU C 119 17.86 -2.15 17.62
CA LEU C 119 17.39 -1.21 16.56
C LEU C 119 18.57 -0.75 15.71
N GLY C 120 19.78 -0.73 16.26
CA GLY C 120 21.00 -0.41 15.50
C GLY C 120 21.03 1.03 15.00
N LEU C 121 20.28 1.94 15.61
CA LEU C 121 20.26 3.34 15.16
C LEU C 121 21.41 4.10 15.82
N ASP C 122 22.11 4.88 15.03
CA ASP C 122 23.31 5.63 15.50
C ASP C 122 23.35 6.92 14.69
N SER C 123 23.04 8.03 15.34
CA SER C 123 23.02 9.36 14.68
C SER C 123 24.10 10.24 15.29
N PRO C 124 24.90 10.90 14.43
CA PRO C 124 25.94 11.79 14.91
C PRO C 124 25.38 13.16 15.27
N ILE C 125 26.11 13.86 16.12
CA ILE C 125 25.71 15.22 16.58
C ILE C 125 25.55 16.13 15.37
N ALA C 126 26.39 15.98 14.33
CA ALA C 126 26.42 16.95 13.21
C ALA C 126 25.16 16.85 12.33
N GLN C 127 24.29 15.85 12.52
CA GLN C 127 22.99 15.84 11.81
C GLN C 127 21.95 16.67 12.59
N GLY C 128 22.28 17.09 13.81
CA GLY C 128 21.37 17.89 14.64
C GLY C 128 20.00 17.24 14.74
N ARG C 129 18.96 18.05 14.62
CA ARG C 129 17.56 17.61 14.77
C ARG C 129 17.10 16.82 13.56
N ASP C 130 17.92 16.68 12.51
CA ASP C 130 17.55 15.88 11.32
C ASP C 130 18.03 14.43 11.48
N GLY C 131 18.74 14.12 12.57
CA GLY C 131 19.18 12.75 12.84
C GLY C 131 18.01 11.81 13.05
N THR C 132 18.13 10.56 12.65
CA THR C 132 17.06 9.55 12.81
C THR C 132 16.73 9.34 14.30
N VAL C 133 17.73 9.26 15.16
CA VAL C 133 17.48 9.03 16.61
C VAL C 133 16.60 10.18 17.13
N HIS C 134 16.95 11.41 16.82
CA HIS C 134 16.20 12.60 17.26
C HIS C 134 14.77 12.48 16.74
N LYS C 135 14.60 12.19 15.45
CA LYS C 135 13.24 12.17 14.84
C LYS C 135 12.41 11.06 15.46
N VAL C 136 13.01 9.89 15.74
CA VAL C 136 12.24 8.77 16.35
C VAL C 136 11.71 9.20 17.71
N VAL C 137 12.57 9.74 18.55
CA VAL C 137 12.18 10.01 19.96
C VAL C 137 11.29 11.24 20.01
N TYR C 138 11.63 12.32 19.30
CA TYR C 138 10.77 13.53 19.33
C TYR C 138 9.40 13.20 18.72
N GLY C 139 9.35 12.30 17.75
CA GLY C 139 8.08 11.78 17.22
C GLY C 139 7.24 11.19 18.34
N LEU C 140 7.82 10.28 19.13
CA LEU C 140 7.07 9.66 20.24
C LEU C 140 6.59 10.73 21.22
N MET C 141 7.42 11.73 21.50
N MET C 141 7.41 11.75 21.49
CA MET C 141 7.07 12.87 22.41
CA MET C 141 7.05 12.85 22.43
C MET C 141 5.86 13.63 21.86
C MET C 141 5.94 13.73 21.84
N SER C 142 5.69 13.63 20.52
CA SER C 142 4.66 14.37 19.77
C SER C 142 3.42 13.50 19.52
N GLY C 143 3.43 12.22 19.93
CA GLY C 143 2.31 11.29 19.70
C GLY C 143 2.30 10.76 18.29
N ASP C 144 3.46 10.78 17.61
CA ASP C 144 3.63 10.39 16.19
C ASP C 144 4.70 9.31 16.10
N SER C 145 4.30 8.05 15.96
CA SER C 145 5.22 6.90 15.90
C SER C 145 5.68 6.63 14.45
N SER C 146 5.37 7.52 13.50
CA SER C 146 5.72 7.36 12.05
C SER C 146 7.22 7.07 11.89
N ALA C 147 8.08 7.86 12.53
CA ALA C 147 9.55 7.71 12.38
C ALA C 147 9.97 6.34 12.92
N LEU C 148 9.52 5.97 14.12
CA LEU C 148 9.82 4.64 14.70
C LEU C 148 9.31 3.54 13.76
N GLN C 149 8.06 3.64 13.30
CA GLN C 149 7.46 2.60 12.42
C GLN C 149 8.32 2.40 11.18
N GLY C 150 8.82 3.48 10.56
CA GLY C 150 9.66 3.38 9.35
C GLY C 150 10.91 2.58 9.63
N GLN C 151 11.55 2.80 10.78
CA GLN C 151 12.80 2.11 11.10
C GLN C 151 12.50 0.64 11.39
N ILE C 152 11.45 0.33 12.15
CA ILE C 152 11.09 -1.09 12.46
C ILE C 152 10.78 -1.81 11.14
N ASP C 153 10.01 -1.18 10.27
CA ASP C 153 9.63 -1.80 8.98
C ASP C 153 10.89 -2.19 8.19
N ALA C 154 11.90 -1.31 8.12
CA ALA C 154 13.16 -1.56 7.39
C ALA C 154 13.91 -2.72 8.05
N LEU C 155 13.96 -2.74 9.38
CA LEU C 155 14.68 -3.80 10.13
C LEU C 155 14.00 -5.15 9.88
N LEU C 156 12.67 -5.20 9.90
CA LEU C 156 11.93 -6.46 9.70
C LEU C 156 12.16 -6.97 8.27
N LYS C 157 12.14 -6.08 7.29
CA LYS C 157 12.34 -6.46 5.87
C LYS C 157 13.76 -7.00 5.70
N ALA C 158 14.73 -6.48 6.45
CA ALA C 158 16.13 -6.95 6.42
C ALA C 158 16.19 -8.40 6.95
N VAL C 159 15.29 -8.78 7.86
CA VAL C 159 15.23 -10.17 8.39
C VAL C 159 14.69 -11.09 7.28
N ASP C 160 13.55 -10.71 6.71
CA ASP C 160 12.84 -11.45 5.63
C ASP C 160 11.91 -10.48 4.93
N PRO C 161 12.00 -10.32 3.59
CA PRO C 161 11.17 -9.34 2.87
C PRO C 161 9.66 -9.56 3.00
N SER C 162 9.22 -10.76 3.39
CA SER C 162 7.80 -11.09 3.65
C SER C 162 7.32 -10.48 4.98
N LEU C 163 8.24 -10.11 5.89
CA LEU C 163 7.88 -9.48 7.19
C LEU C 163 7.80 -7.97 7.01
N SER C 164 6.97 -7.32 7.84
CA SER C 164 6.71 -5.87 7.79
C SER C 164 6.06 -5.42 9.10
N ILE C 165 5.80 -4.12 9.24
CA ILE C 165 5.04 -3.59 10.41
C ILE C 165 3.60 -4.12 10.37
N ASN C 166 3.16 -4.75 9.26
CA ASN C 166 1.80 -5.32 9.15
C ASN C 166 1.79 -6.80 9.54
N SER C 167 2.95 -7.37 9.88
CA SER C 167 3.05 -8.71 10.50
C SER C 167 2.46 -8.64 11.91
N THR C 168 1.80 -9.71 12.36
CA THR C 168 1.37 -9.84 13.77
C THR C 168 2.57 -10.25 14.60
N PHE C 169 2.46 -10.03 15.92
CA PHE C 169 3.50 -10.48 16.89
C PHE C 169 3.68 -12.00 16.81
N ASP C 170 2.57 -12.77 16.70
N ASP C 170 2.57 -12.75 16.69
CA ASP C 170 2.61 -14.25 16.56
CA ASP C 170 2.60 -14.24 16.56
C ASP C 170 3.42 -14.63 15.31
C ASP C 170 3.41 -14.63 15.31
N GLN C 171 3.17 -13.96 14.19
CA GLN C 171 3.93 -14.19 12.92
C GLN C 171 5.41 -13.90 13.15
N LEU C 172 5.73 -12.80 13.87
CA LEU C 172 7.14 -12.42 14.14
C LEU C 172 7.77 -13.44 15.10
N ALA C 173 6.99 -14.04 16.00
CA ALA C 173 7.46 -15.13 16.90
C ALA C 173 7.80 -16.38 16.06
N ALA C 174 6.99 -16.72 15.07
CA ALA C 174 7.22 -17.88 14.16
C ALA C 174 8.50 -17.65 13.33
N ALA C 175 8.79 -16.39 13.00
CA ALA C 175 9.94 -15.97 12.19
C ALA C 175 11.21 -15.90 13.05
N GLY C 176 11.09 -16.04 14.37
CA GLY C 176 12.24 -16.04 15.29
C GLY C 176 12.65 -14.64 15.71
N VAL C 177 11.80 -13.64 15.48
CA VAL C 177 12.07 -12.20 15.79
C VAL C 177 11.48 -11.86 17.17
N ALA C 178 10.29 -12.36 17.46
CA ALA C 178 9.48 -11.89 18.60
C ALA C 178 9.35 -13.01 19.64
N HIS C 179 9.16 -12.61 20.90
CA HIS C 179 9.16 -13.47 22.10
C HIS C 179 8.00 -13.03 23.00
N ALA C 180 7.02 -13.90 23.26
CA ALA C 180 5.81 -13.56 24.05
C ALA C 180 6.19 -13.51 25.54
N THR C 181 5.56 -12.60 26.28
CA THR C 181 5.68 -12.47 27.76
C THR C 181 4.28 -12.60 28.37
N PRO C 182 4.16 -12.93 29.67
CA PRO C 182 2.86 -12.99 30.33
C PRO C 182 2.04 -11.69 30.21
N ALA C 183 0.72 -11.79 30.21
CA ALA C 183 -0.24 -10.65 30.22
C ALA C 183 -0.76 -10.44 31.65
#